data_3FY6
#
_entry.id   3FY6
#
_cell.length_a   50.332
_cell.length_b   97.398
_cell.length_c   115.391
_cell.angle_alpha   90.00
_cell.angle_beta   90.00
_cell.angle_gamma   90.00
#
_symmetry.space_group_name_H-M   'P 21 21 21'
#
loop_
_entity.id
_entity.type
_entity.pdbx_description
1 polymer 'Integron cassette protein'
2 water water
#
_entity_poly.entity_id   1
_entity_poly.type   'polypeptide(L)'
_entity_poly.pdbx_seq_one_letter_code
;RENLYFQG(MSE)TEVNLNIYSPRWGRHETYIVELHKDY(MSE)EIS(MSE)GAVTIKATYSENQDPEWSEETLQDI
(MSE)NNDSVYPPEITQNLFQHAWLEWRKGALDNDEVTRELELVAQWVNKVTEAKPNSDFWRKYF
;
_entity_poly.pdbx_strand_id   A,B,C,D
#
# COMPACT_ATOMS: atom_id res chain seq x y z
N MSE A 9 28.62 11.63 5.81
CA MSE A 9 28.54 11.06 4.47
C MSE A 9 28.33 9.54 4.54
O MSE A 9 29.05 8.84 5.25
CB MSE A 9 29.81 11.38 3.68
CG MSE A 9 29.93 10.63 2.34
SE MSE A 9 30.76 8.87 2.46
CE MSE A 9 30.61 8.32 0.59
N THR A 10 27.35 9.03 3.80
CA THR A 10 27.14 7.59 3.81
C THR A 10 26.84 7.02 2.44
N GLU A 11 26.99 5.70 2.34
CA GLU A 11 26.88 5.02 1.06
C GLU A 11 25.87 3.91 1.19
N VAL A 12 24.96 3.83 0.24
CA VAL A 12 23.97 2.77 0.22
C VAL A 12 24.17 1.94 -1.05
N ASN A 13 24.31 0.63 -0.90
CA ASN A 13 24.42 -0.25 -2.05
C ASN A 13 23.07 -0.88 -2.35
N LEU A 14 22.55 -0.64 -3.54
CA LEU A 14 21.23 -1.14 -3.92
C LEU A 14 21.34 -2.22 -4.99
N ASN A 15 20.47 -3.23 -4.94
CA ASN A 15 20.58 -4.36 -5.84
C ASN A 15 19.43 -4.39 -6.83
N ILE A 16 19.72 -4.04 -8.08
CA ILE A 16 18.67 -3.91 -9.09
C ILE A 16 18.76 -5.03 -10.12
N TYR A 17 17.71 -5.83 -10.25
CA TYR A 17 17.75 -6.96 -11.18
C TYR A 17 17.72 -6.50 -12.63
N SER A 18 18.66 -7.00 -13.43
CA SER A 18 18.79 -6.65 -14.84
C SER A 18 18.63 -7.87 -15.72
N PRO A 19 17.57 -7.89 -16.54
CA PRO A 19 17.36 -8.98 -17.49
C PRO A 19 18.46 -9.02 -18.54
N ARG A 20 19.15 -7.89 -18.70
CA ARG A 20 20.21 -7.82 -19.70
C ARG A 20 21.46 -8.58 -19.24
N TRP A 21 21.70 -8.61 -17.94
CA TRP A 21 22.87 -9.32 -17.40
C TRP A 21 22.50 -10.53 -16.56
N GLY A 22 21.21 -10.83 -16.44
CA GLY A 22 20.77 -11.98 -15.65
C GLY A 22 21.28 -11.96 -14.21
N ARG A 23 21.29 -10.77 -13.60
CA ARG A 23 21.78 -10.64 -12.23
C ARG A 23 21.34 -9.31 -11.62
N HIS A 24 21.44 -9.20 -10.30
CA HIS A 24 21.23 -7.92 -9.63
C HIS A 24 22.47 -7.06 -9.82
N GLU A 25 22.30 -5.92 -10.48
CA GLU A 25 23.38 -4.95 -10.63
C GLU A 25 23.43 -4.04 -9.39
N THR A 26 24.64 -3.70 -8.97
CA THR A 26 24.82 -2.88 -7.77
C THR A 26 24.79 -1.41 -8.16
N TYR A 27 23.82 -0.68 -7.65
CA TYR A 27 23.80 0.77 -7.81
C TYR A 27 24.30 1.37 -6.51
N ILE A 28 25.35 2.17 -6.59
CA ILE A 28 25.93 2.73 -5.37
C ILE A 28 25.46 4.17 -5.17
N VAL A 29 24.73 4.41 -4.10
CA VAL A 29 24.26 5.74 -3.78
C VAL A 29 25.17 6.39 -2.74
N GLU A 30 25.81 7.49 -3.10
CA GLU A 30 26.63 8.23 -2.16
C GLU A 30 25.89 9.47 -1.68
N LEU A 31 25.59 9.52 -0.39
CA LEU A 31 24.90 10.66 0.19
C LEU A 31 25.88 11.58 0.89
N HIS A 32 25.91 12.84 0.49
CA HIS A 32 26.68 13.86 1.17
C HIS A 32 25.73 15.00 1.49
N LYS A 33 26.17 15.90 2.36
CA LYS A 33 25.38 17.06 2.74
C LYS A 33 25.03 17.92 1.52
N ASP A 34 26.00 18.15 0.65
CA ASP A 34 25.85 19.08 -0.46
C ASP A 34 25.38 18.44 -1.77
N TYR A 35 25.46 17.13 -1.89
CA TYR A 35 25.10 16.48 -3.14
C TYR A 35 24.89 14.98 -2.94
N MSE A 36 24.23 14.36 -3.90
CA MSE A 36 24.11 12.90 -3.91
C MSE A 36 24.60 12.38 -5.25
O MSE A 36 24.37 13.02 -6.28
CB MSE A 36 22.66 12.46 -3.67
CG MSE A 36 22.40 10.98 -3.94
SE MSE A 36 20.49 10.52 -3.91
CE MSE A 36 19.80 12.17 -4.60
N GLU A 37 25.27 11.24 -5.24
CA GLU A 37 25.66 10.58 -6.48
C GLU A 37 25.14 9.16 -6.53
N ILE A 38 24.84 8.70 -7.74
CA ILE A 38 24.39 7.34 -7.97
C ILE A 38 25.25 6.75 -9.06
N SER A 39 25.93 5.65 -8.73
CA SER A 39 26.85 5.00 -9.66
C SER A 39 26.40 3.61 -10.02
N MSE A 40 26.56 3.27 -11.29
CA MSE A 40 26.35 1.91 -11.77
C MSE A 40 27.55 1.65 -12.65
O MSE A 40 27.67 2.25 -13.73
CB MSE A 40 25.06 1.85 -12.59
CG MSE A 40 24.34 0.50 -12.50
SE MSE A 40 25.15 -1.00 -13.47
CE MSE A 40 25.66 -0.09 -15.12
N GLY A 41 28.45 0.78 -12.21
CA GLY A 41 29.68 0.55 -12.95
C GLY A 41 30.45 1.84 -13.15
N ALA A 42 30.69 2.18 -14.41
CA ALA A 42 31.50 3.35 -14.72
C ALA A 42 30.69 4.65 -14.83
N VAL A 43 29.38 4.54 -14.69
CA VAL A 43 28.51 5.69 -14.91
C VAL A 43 28.05 6.31 -13.60
N THR A 44 28.19 7.63 -13.49
CA THR A 44 27.76 8.34 -12.29
C THR A 44 26.89 9.54 -12.66
N ILE A 45 25.70 9.63 -12.06
CA ILE A 45 24.90 10.83 -12.15
C ILE A 45 24.89 11.53 -10.80
N LYS A 46 24.58 12.83 -10.81
CA LYS A 46 24.74 13.64 -9.61
C LYS A 46 23.62 14.63 -9.41
N ALA A 47 23.16 14.76 -8.18
CA ALA A 47 22.22 15.80 -7.79
C ALA A 47 22.91 16.73 -6.78
N THR A 48 22.90 18.03 -7.06
CA THR A 48 23.56 18.98 -6.19
C THR A 48 22.54 19.82 -5.42
N TYR A 49 22.72 19.93 -4.11
CA TYR A 49 21.82 20.71 -3.28
C TYR A 49 22.04 22.21 -3.50
N SER A 50 20.95 22.96 -3.56
CA SER A 50 21.04 24.43 -3.60
C SER A 50 20.10 25.03 -2.56
N GLU A 51 20.57 26.08 -1.89
CA GLU A 51 19.84 26.65 -0.76
C GLU A 51 18.42 27.09 -1.06
N ASN A 52 18.20 27.69 -2.22
CA ASN A 52 16.91 28.29 -2.50
C ASN A 52 16.16 27.67 -3.67
N GLN A 53 16.66 26.54 -4.16
CA GLN A 53 16.00 25.86 -5.27
C GLN A 53 16.04 24.35 -5.11
N ASP A 54 15.19 23.67 -5.88
CA ASP A 54 15.23 22.22 -5.96
C ASP A 54 16.62 21.78 -6.37
N PRO A 55 17.02 20.57 -5.96
CA PRO A 55 18.35 20.05 -6.32
C PRO A 55 18.56 20.10 -7.83
N GLU A 56 19.79 20.36 -8.24
CA GLU A 56 20.15 20.34 -9.67
C GLU A 56 20.58 18.93 -10.07
N TRP A 57 19.80 18.28 -10.93
CA TRP A 57 20.13 16.93 -11.37
C TRP A 57 20.84 16.88 -12.72
N SER A 58 21.63 15.83 -12.93
CA SER A 58 22.14 15.50 -14.25
C SER A 58 20.96 15.36 -15.21
N GLU A 59 21.18 15.67 -16.48
CA GLU A 59 20.14 15.51 -17.49
C GLU A 59 19.96 14.03 -17.87
N GLU A 60 21.02 13.25 -17.76
CA GLU A 60 20.91 11.80 -17.84
C GLU A 60 20.24 11.34 -16.54
N THR A 61 19.02 10.82 -16.64
CA THR A 61 18.25 10.47 -15.44
C THR A 61 18.58 9.06 -14.95
N LEU A 62 18.16 8.78 -13.72
CA LEU A 62 18.26 7.44 -13.16
C LEU A 62 17.56 6.44 -14.07
N GLN A 63 16.43 6.86 -14.61
CA GLN A 63 15.66 6.04 -15.52
C GLN A 63 16.50 5.68 -16.76
N ASP A 64 17.20 6.68 -17.31
CA ASP A 64 18.05 6.46 -18.47
C ASP A 64 19.11 5.38 -18.23
N ILE A 65 19.83 5.48 -17.11
CA ILE A 65 20.90 4.51 -16.86
C ILE A 65 20.33 3.11 -16.59
N MSE A 66 19.20 3.06 -15.90
CA MSE A 66 18.51 1.79 -15.70
C MSE A 66 17.97 1.17 -17.02
O MSE A 66 17.94 -0.05 -17.16
CB MSE A 66 17.41 1.92 -14.66
CG MSE A 66 17.93 2.19 -13.26
SE MSE A 66 16.49 2.01 -11.96
CE MSE A 66 17.47 2.41 -10.32
N ASN A 67 17.54 2.02 -17.96
CA ASN A 67 17.06 1.54 -19.25
C ASN A 67 18.19 0.78 -19.93
N ASN A 68 19.42 1.22 -19.67
CA ASN A 68 20.58 0.56 -20.23
C ASN A 68 20.77 -0.86 -19.69
N ASP A 69 20.24 -1.12 -18.50
CA ASP A 69 20.22 -2.48 -17.95
C ASP A 69 18.94 -3.22 -18.33
N SER A 70 18.20 -2.68 -19.30
CA SER A 70 16.87 -3.20 -19.64
C SER A 70 15.92 -3.18 -18.45
N VAL A 71 16.02 -2.15 -17.63
CA VAL A 71 15.13 -1.96 -16.49
C VAL A 71 14.29 -0.70 -16.74
N TYR A 72 12.98 -0.81 -16.53
CA TYR A 72 12.04 0.28 -16.80
C TYR A 72 11.31 0.63 -15.52
N PRO A 73 11.91 1.51 -14.71
CA PRO A 73 11.42 1.86 -13.38
C PRO A 73 10.31 2.89 -13.50
N PRO A 74 9.46 3.00 -12.48
CA PRO A 74 8.46 4.07 -12.51
C PRO A 74 9.17 5.41 -12.68
N GLU A 75 8.54 6.36 -13.37
CA GLU A 75 9.19 7.63 -13.69
C GLU A 75 9.53 8.44 -12.43
N ILE A 76 8.75 8.26 -11.36
CA ILE A 76 8.98 8.97 -10.11
C ILE A 76 10.18 8.46 -9.27
N THR A 77 10.81 7.38 -9.72
CA THR A 77 11.90 6.75 -8.97
C THR A 77 13.01 7.74 -8.55
N GLN A 78 13.46 8.57 -9.47
CA GLN A 78 14.55 9.49 -9.20
C GLN A 78 14.14 10.47 -8.11
N ASN A 79 12.89 10.90 -8.18
CA ASN A 79 12.33 11.83 -7.23
C ASN A 79 12.28 11.20 -5.85
N LEU A 80 11.96 9.91 -5.77
CA LEU A 80 12.04 9.18 -4.50
C LEU A 80 13.44 9.20 -3.92
N PHE A 81 14.46 8.93 -4.75
CA PHE A 81 15.84 9.00 -4.25
C PHE A 81 16.10 10.39 -3.69
N GLN A 82 15.68 11.42 -4.43
CA GLN A 82 15.89 12.80 -3.99
C GLN A 82 15.26 13.01 -2.62
N HIS A 83 14.07 12.47 -2.43
CA HIS A 83 13.35 12.69 -1.18
C HIS A 83 14.09 12.07 -0.01
N ALA A 84 14.48 10.80 -0.15
CA ALA A 84 15.21 10.14 0.92
C ALA A 84 16.48 10.93 1.27
N TRP A 85 17.17 11.41 0.25
CA TRP A 85 18.40 12.14 0.44
C TRP A 85 18.15 13.44 1.19
N LEU A 86 17.14 14.20 0.75
CA LEU A 86 16.84 15.48 1.39
C LEU A 86 16.42 15.28 2.85
N GLU A 87 15.64 14.23 3.12
CA GLU A 87 15.26 13.95 4.49
C GLU A 87 16.46 13.52 5.36
N TRP A 88 17.34 12.72 4.79
CA TRP A 88 18.55 12.30 5.49
C TRP A 88 19.45 13.49 5.74
N ARG A 89 19.49 14.38 4.76
CA ARG A 89 20.35 15.54 4.80
C ARG A 89 20.11 16.39 6.05
N LYS A 90 18.83 16.65 6.35
CA LYS A 90 18.49 17.43 7.52
C LYS A 90 18.30 16.59 8.77
N GLY A 91 18.73 15.33 8.71
CA GLY A 91 18.72 14.48 9.90
C GLY A 91 17.35 13.93 10.27
N ALA A 92 16.41 13.94 9.33
CA ALA A 92 15.11 13.31 9.56
C ALA A 92 15.24 11.78 9.47
N LEU A 93 16.31 11.32 8.83
CA LEU A 93 16.60 9.89 8.75
C LEU A 93 18.05 9.66 9.13
N ASP A 94 18.32 8.64 9.92
CA ASP A 94 19.72 8.30 10.19
C ASP A 94 20.24 7.39 9.08
N ASN A 95 21.47 6.95 9.19
CA ASN A 95 22.10 6.12 8.17
C ASN A 95 21.36 4.81 7.91
N ASP A 96 20.87 4.18 8.96
CA ASP A 96 20.22 2.89 8.76
C ASP A 96 18.85 3.09 8.13
N GLU A 97 18.17 4.16 8.55
CA GLU A 97 16.86 4.50 8.01
C GLU A 97 16.95 4.86 6.52
N VAL A 98 17.92 5.67 6.12
CA VAL A 98 18.00 6.05 4.72
C VAL A 98 18.31 4.81 3.88
N THR A 99 19.08 3.90 4.46
CA THR A 99 19.40 2.64 3.79
C THR A 99 18.16 1.80 3.51
N ARG A 100 17.35 1.57 4.54
CA ARG A 100 16.13 0.78 4.37
C ARG A 100 15.12 1.44 3.44
N GLU A 101 14.90 2.74 3.61
CA GLU A 101 13.94 3.44 2.75
C GLU A 101 14.36 3.31 1.26
N LEU A 102 15.65 3.46 0.96
CA LEU A 102 16.12 3.32 -0.42
C LEU A 102 16.04 1.88 -0.89
N GLU A 103 16.28 0.94 0.02
CA GLU A 103 16.12 -0.47 -0.32
C GLU A 103 14.67 -0.81 -0.69
N LEU A 104 13.71 -0.11 -0.08
CA LEU A 104 12.32 -0.36 -0.43
C LEU A 104 12.05 0.17 -1.86
N VAL A 105 12.76 1.22 -2.26
CA VAL A 105 12.59 1.70 -3.62
C VAL A 105 13.19 0.70 -4.62
N ALA A 106 14.35 0.15 -4.29
CA ALA A 106 14.98 -0.86 -5.16
C ALA A 106 14.06 -2.07 -5.26
N GLN A 107 13.48 -2.46 -4.13
CA GLN A 107 12.57 -3.59 -4.09
C GLN A 107 11.36 -3.36 -5.00
N TRP A 108 10.85 -2.14 -5.00
CA TRP A 108 9.74 -1.76 -5.88
C TRP A 108 10.15 -1.91 -7.35
N VAL A 109 11.29 -1.33 -7.70
CA VAL A 109 11.80 -1.45 -9.05
C VAL A 109 11.90 -2.93 -9.44
N ASN A 110 12.41 -3.77 -8.54
CA ASN A 110 12.53 -5.19 -8.88
C ASN A 110 11.15 -5.82 -9.14
N LYS A 111 10.15 -5.44 -8.36
CA LYS A 111 8.80 -5.96 -8.59
C LYS A 111 8.24 -5.53 -9.95
N VAL A 112 8.52 -4.29 -10.33
CA VAL A 112 8.08 -3.77 -11.62
C VAL A 112 8.67 -4.61 -12.76
N THR A 113 9.98 -4.82 -12.69
CA THR A 113 10.69 -5.62 -13.69
C THR A 113 10.10 -7.02 -13.79
N GLU A 114 9.91 -7.65 -12.63
CA GLU A 114 9.36 -9.00 -12.56
C GLU A 114 7.96 -9.07 -13.17
N ALA A 115 7.19 -7.99 -13.03
CA ALA A 115 5.81 -7.98 -13.51
C ALA A 115 5.67 -7.45 -14.95
N LYS A 116 6.77 -7.11 -15.59
CA LYS A 116 6.71 -6.58 -16.96
C LYS A 116 5.94 -7.52 -17.88
N PRO A 117 5.09 -6.97 -18.78
CA PRO A 117 4.32 -7.80 -19.71
C PRO A 117 5.22 -8.81 -20.44
N ASN A 118 4.81 -10.06 -20.48
CA ASN A 118 5.64 -11.13 -21.02
C ASN A 118 4.97 -11.90 -22.17
N SER A 119 3.96 -11.30 -22.80
CA SER A 119 3.40 -11.89 -24.01
C SER A 119 4.49 -11.86 -25.07
N ASP A 120 4.39 -12.75 -26.05
CA ASP A 120 5.36 -12.80 -27.14
C ASP A 120 5.41 -11.46 -27.87
N PHE A 121 4.27 -10.80 -27.99
CA PHE A 121 4.25 -9.48 -28.59
C PHE A 121 5.16 -8.52 -27.82
N TRP A 122 4.95 -8.40 -26.51
CA TRP A 122 5.75 -7.44 -25.75
C TRP A 122 7.24 -7.81 -25.63
N ARG A 123 7.54 -9.10 -25.56
CA ARG A 123 8.93 -9.57 -25.43
C ARG A 123 9.75 -9.17 -26.64
N LYS A 124 9.13 -9.15 -27.80
CA LYS A 124 9.79 -8.77 -29.03
C LYS A 124 10.19 -7.29 -28.99
N TYR A 125 9.48 -6.53 -28.18
CA TYR A 125 9.67 -5.09 -28.16
C TYR A 125 10.65 -4.65 -27.07
N PHE A 126 10.51 -5.21 -25.88
CA PHE A 126 11.31 -4.75 -24.76
C PHE A 126 11.26 -5.76 -23.62
N ARG B 1 -12.41 25.05 0.75
CA ARG B 1 -13.16 24.01 1.45
C ARG B 1 -14.60 24.43 1.72
N GLU B 2 -14.79 25.68 2.14
CA GLU B 2 -16.11 26.19 2.48
C GLU B 2 -17.10 26.02 1.34
N ASN B 3 -16.58 25.72 0.15
CA ASN B 3 -17.41 25.47 -1.02
C ASN B 3 -18.13 24.12 -0.93
N LEU B 4 -17.66 23.28 -0.02
CA LEU B 4 -18.27 21.97 0.22
C LEU B 4 -19.10 21.96 1.49
N TYR B 5 -19.25 23.12 2.12
CA TYR B 5 -20.07 23.21 3.31
C TYR B 5 -21.53 22.93 2.99
N PHE B 6 -22.26 22.45 3.97
CA PHE B 6 -23.69 22.20 3.84
C PHE B 6 -24.00 21.19 2.75
N GLN B 7 -22.96 20.49 2.29
CA GLN B 7 -23.13 19.26 1.52
C GLN B 7 -23.55 18.20 2.54
N GLY B 8 -23.63 18.64 3.80
CA GLY B 8 -23.60 17.79 4.97
C GLY B 8 -24.79 16.94 5.38
N MSE B 9 -25.20 16.05 4.48
CA MSE B 9 -25.97 14.88 4.87
C MSE B 9 -25.81 13.81 3.81
O MSE B 9 -26.47 13.83 2.76
CB MSE B 9 -27.45 15.18 5.10
CG MSE B 9 -28.16 14.05 5.85
SE MSE B 9 -28.22 12.34 4.88
CE MSE B 9 -28.10 11.12 6.39
N THR B 10 -24.93 12.86 4.06
CA THR B 10 -24.70 11.79 3.09
C THR B 10 -24.70 10.43 3.78
N GLU B 11 -25.14 9.43 3.05
CA GLU B 11 -25.29 8.08 3.56
C GLU B 11 -24.36 7.20 2.77
N VAL B 12 -23.60 6.35 3.46
CA VAL B 12 -22.66 5.45 2.79
C VAL B 12 -22.91 4.01 3.21
N ASN B 13 -23.20 3.15 2.22
CA ASN B 13 -23.46 1.74 2.50
C ASN B 13 -22.21 0.92 2.30
N LEU B 14 -21.76 0.26 3.36
CA LEU B 14 -20.56 -0.55 3.28
C LEU B 14 -20.93 -2.03 3.38
N ASN B 15 -20.24 -2.86 2.61
CA ASN B 15 -20.53 -4.29 2.60
C ASN B 15 -19.44 -5.07 3.30
N ILE B 16 -19.76 -5.54 4.50
CA ILE B 16 -18.80 -6.18 5.36
C ILE B 16 -19.12 -7.66 5.40
N TYR B 17 -18.18 -8.47 4.93
CA TYR B 17 -18.42 -9.91 4.98
C TYR B 17 -18.44 -10.40 6.43
N SER B 18 -19.53 -11.05 6.82
CA SER B 18 -19.65 -11.60 8.16
C SER B 18 -19.45 -13.11 8.15
N PRO B 19 -18.34 -13.59 8.71
CA PRO B 19 -18.07 -15.03 8.76
C PRO B 19 -19.12 -15.76 9.58
N ARG B 20 -19.76 -15.03 10.48
CA ARG B 20 -20.80 -15.63 11.30
C ARG B 20 -21.99 -16.06 10.44
N TRP B 21 -22.42 -15.19 9.53
CA TRP B 21 -23.59 -15.46 8.70
C TRP B 21 -23.23 -15.97 7.30
N GLY B 22 -21.93 -15.95 6.98
CA GLY B 22 -21.47 -16.42 5.69
C GLY B 22 -21.94 -15.56 4.54
N ARG B 23 -22.09 -14.26 4.80
CA ARG B 23 -22.58 -13.34 3.79
C ARG B 23 -22.17 -11.92 4.15
N HIS B 24 -22.21 -11.04 3.16
CA HIS B 24 -21.93 -9.63 3.37
C HIS B 24 -23.07 -8.98 4.14
N GLU B 25 -22.74 -8.19 5.15
CA GLU B 25 -23.75 -7.44 5.89
C GLU B 25 -23.56 -5.97 5.58
N THR B 26 -24.66 -5.25 5.46
CA THR B 26 -24.63 -3.84 5.13
C THR B 26 -24.46 -2.98 6.38
N TYR B 27 -23.37 -2.23 6.43
CA TYR B 27 -23.15 -1.27 7.50
C TYR B 27 -23.45 0.10 6.93
N ILE B 28 -24.41 0.77 7.53
CA ILE B 28 -24.81 2.08 7.06
C ILE B 28 -24.09 3.18 7.84
N VAL B 29 -23.35 4.01 7.13
CA VAL B 29 -22.67 5.16 7.72
C VAL B 29 -23.44 6.44 7.40
N GLU B 30 -24.06 7.05 8.40
CA GLU B 30 -24.73 8.32 8.16
C GLU B 30 -23.80 9.45 8.58
N LEU B 31 -23.46 10.30 7.62
CA LEU B 31 -22.54 11.40 7.85
C LEU B 31 -23.31 12.71 7.95
N HIS B 32 -23.17 13.39 9.08
CA HIS B 32 -23.69 14.74 9.23
C HIS B 32 -22.55 15.59 9.70
N LYS B 33 -22.67 16.90 9.60
CA LYS B 33 -21.61 17.78 10.08
C LYS B 33 -21.44 17.63 11.59
N ASP B 34 -22.55 17.45 12.29
CA ASP B 34 -22.50 17.39 13.75
C ASP B 34 -22.13 16.00 14.25
N TYR B 35 -22.32 14.99 13.42
CA TYR B 35 -22.11 13.62 13.88
C TYR B 35 -22.07 12.59 12.76
N MSE B 36 -21.58 11.41 13.10
CA MSE B 36 -21.65 10.27 12.20
C MSE B 36 -22.28 9.14 12.99
O MSE B 36 -21.94 8.92 14.16
CB MSE B 36 -20.23 9.85 11.74
CG MSE B 36 -20.16 8.47 11.10
SE MSE B 36 -18.30 8.03 10.59
CE MSE B 36 -17.46 8.41 12.32
N GLU B 37 -23.21 8.45 12.36
CA GLU B 37 -23.81 7.27 12.96
C GLU B 37 -23.45 6.07 12.10
N ILE B 38 -23.15 4.96 12.74
CA ILE B 38 -22.83 3.73 12.02
C ILE B 38 -23.78 2.65 12.51
N SER B 39 -24.49 2.02 11.58
CA SER B 39 -25.56 1.09 11.91
C SER B 39 -25.45 -0.22 11.17
N MSE B 40 -25.59 -1.31 11.91
CA MSE B 40 -25.69 -2.62 11.30
C MSE B 40 -26.98 -3.24 11.81
O MSE B 40 -27.10 -3.56 13.00
CB MSE B 40 -24.49 -3.49 11.65
CG MSE B 40 -24.26 -4.61 10.66
SE MSE B 40 -25.50 -6.09 10.91
CE MSE B 40 -24.78 -6.75 12.60
N GLY B 41 -27.95 -3.38 10.92
CA GLY B 41 -29.27 -3.82 11.34
C GLY B 41 -29.83 -2.87 12.37
N ALA B 42 -29.86 -3.30 13.62
CA ALA B 42 -30.56 -2.54 14.66
C ALA B 42 -29.64 -1.82 15.64
N VAL B 43 -28.37 -2.19 15.66
CA VAL B 43 -27.43 -1.52 16.56
C VAL B 43 -26.86 -0.27 15.90
N THR B 44 -26.70 0.79 16.68
CA THR B 44 -26.19 2.06 16.16
C THR B 44 -25.18 2.66 17.11
N ILE B 45 -24.04 3.08 16.57
CA ILE B 45 -23.06 3.81 17.36
C ILE B 45 -22.90 5.18 16.73
N LYS B 46 -22.37 6.12 17.49
CA LYS B 46 -22.33 7.50 17.04
C LYS B 46 -21.07 8.21 17.51
N ALA B 47 -20.50 8.99 16.61
CA ALA B 47 -19.45 9.93 16.98
C ALA B 47 -20.04 11.32 16.82
N THR B 48 -19.77 12.20 17.78
CA THR B 48 -20.23 13.57 17.67
C THR B 48 -19.07 14.53 17.83
N TYR B 49 -19.16 15.69 17.18
CA TYR B 49 -18.14 16.70 17.37
C TYR B 49 -18.57 17.58 18.55
N SER B 50 -17.85 17.44 19.65
CA SER B 50 -18.26 18.06 20.90
C SER B 50 -18.12 19.57 20.85
N GLU B 51 -18.74 20.25 21.81
CA GLU B 51 -18.62 21.70 21.93
C GLU B 51 -17.18 22.08 22.16
N ASN B 52 -16.38 21.18 22.73
CA ASN B 52 -14.97 21.48 22.96
C ASN B 52 -14.14 21.18 21.72
N GLN B 53 -14.83 20.89 20.62
CA GLN B 53 -14.20 20.67 19.33
C GLN B 53 -13.32 19.43 19.35
N ASP B 54 -13.82 18.42 20.05
CA ASP B 54 -13.25 17.08 20.12
C ASP B 54 -14.24 16.07 19.55
N PRO B 55 -13.76 15.07 18.81
CA PRO B 55 -14.66 13.99 18.46
C PRO B 55 -14.97 13.20 19.74
N GLU B 56 -16.19 12.71 19.90
CA GLU B 56 -16.56 11.96 21.08
C GLU B 56 -17.47 10.81 20.67
N TRP B 57 -17.13 9.59 21.06
CA TRP B 57 -17.89 8.42 20.63
C TRP B 57 -18.84 7.88 21.69
N SER B 58 -19.88 7.18 21.23
CA SER B 58 -20.77 6.44 22.12
C SER B 58 -20.01 5.37 22.88
N GLU B 59 -20.65 4.81 23.89
CA GLU B 59 -20.04 3.77 24.71
C GLU B 59 -19.82 2.53 23.86
N GLU B 60 -20.82 2.20 23.04
CA GLU B 60 -20.73 1.09 22.11
C GLU B 60 -19.76 1.46 20.98
N THR B 61 -18.87 0.55 20.63
CA THR B 61 -17.81 0.85 19.65
C THR B 61 -18.03 0.05 18.37
N LEU B 62 -17.27 0.37 17.33
CA LEU B 62 -17.36 -0.36 16.08
C LEU B 62 -16.98 -1.84 16.30
N GLN B 63 -15.92 -2.09 17.05
CA GLN B 63 -15.52 -3.45 17.41
C GLN B 63 -16.69 -4.23 17.95
N ASP B 64 -17.39 -3.66 18.91
CA ASP B 64 -18.57 -4.29 19.47
C ASP B 64 -19.53 -4.76 18.39
N ILE B 65 -19.89 -3.88 17.47
CA ILE B 65 -20.80 -4.26 16.38
C ILE B 65 -20.20 -5.38 15.55
N MSE B 66 -18.96 -5.19 15.13
CA MSE B 66 -18.30 -6.14 14.25
C MSE B 66 -18.01 -7.49 14.89
O MSE B 66 -18.21 -8.54 14.26
CB MSE B 66 -17.05 -5.52 13.64
CG MSE B 66 -17.40 -4.55 12.51
SE MSE B 66 -15.82 -3.77 11.73
CE MSE B 66 -16.64 -2.71 10.31
N ASN B 67 -17.53 -7.49 16.13
CA ASN B 67 -17.28 -8.74 16.83
C ASN B 67 -18.55 -9.60 16.84
N ASN B 68 -19.70 -8.94 16.83
CA ASN B 68 -20.97 -9.65 16.79
C ASN B 68 -21.23 -10.35 15.45
N ASP B 69 -20.49 -9.96 14.41
CA ASP B 69 -20.55 -10.61 13.11
C ASP B 69 -19.38 -11.56 12.92
N SER B 70 -18.62 -11.77 14.00
CA SER B 70 -17.37 -12.53 13.93
C SER B 70 -16.37 -11.87 13.00
N VAL B 71 -16.41 -10.55 12.96
CA VAL B 71 -15.41 -9.77 12.23
C VAL B 71 -14.47 -9.12 13.25
N TYR B 72 -13.18 -9.33 13.05
CA TYR B 72 -12.17 -8.79 13.95
C TYR B 72 -11.19 -7.91 13.18
N PRO B 73 -11.58 -6.65 12.92
CA PRO B 73 -10.71 -5.76 12.15
C PRO B 73 -9.65 -5.17 13.06
N PRO B 74 -8.61 -4.58 12.48
CA PRO B 74 -7.60 -3.88 13.29
C PRO B 74 -8.29 -2.89 14.22
N GLU B 75 -7.67 -2.70 15.38
CA GLU B 75 -8.17 -1.81 16.41
C GLU B 75 -8.34 -0.36 15.92
N ILE B 76 -7.54 0.04 14.93
CA ILE B 76 -7.59 1.42 14.44
C ILE B 76 -8.73 1.68 13.46
N THR B 77 -9.52 0.65 13.18
CA THR B 77 -10.57 0.77 12.16
C THR B 77 -11.56 1.90 12.47
N GLN B 78 -12.04 1.96 13.72
CA GLN B 78 -12.97 3.02 14.09
C GLN B 78 -12.32 4.38 13.92
N ASN B 79 -11.02 4.45 14.18
CA ASN B 79 -10.30 5.70 14.03
C ASN B 79 -10.24 6.16 12.57
N LEU B 80 -10.15 5.19 11.66
CA LEU B 80 -10.18 5.49 10.23
C LEU B 80 -11.54 6.06 9.84
N PHE B 81 -12.60 5.47 10.37
CA PHE B 81 -13.95 5.99 10.10
C PHE B 81 -14.02 7.43 10.57
N GLN B 82 -13.45 7.69 11.74
CA GLN B 82 -13.45 9.03 12.29
C GLN B 82 -12.74 9.99 11.35
N HIS B 83 -11.54 9.63 10.91
CA HIS B 83 -10.75 10.51 10.06
C HIS B 83 -11.48 10.85 8.77
N ALA B 84 -12.05 9.84 8.11
CA ALA B 84 -12.87 10.09 6.93
C ALA B 84 -13.97 11.12 7.23
N TRP B 85 -14.68 10.94 8.33
CA TRP B 85 -15.77 11.83 8.70
C TRP B 85 -15.27 13.26 8.97
N LEU B 86 -14.20 13.36 9.76
CA LEU B 86 -13.60 14.65 10.09
C LEU B 86 -13.13 15.41 8.85
N GLU B 87 -12.59 14.68 7.87
CA GLU B 87 -12.11 15.35 6.67
C GLU B 87 -13.28 15.78 5.78
N TRP B 88 -14.30 14.93 5.69
CA TRP B 88 -15.49 15.26 4.92
C TRP B 88 -16.23 16.45 5.51
N ARG B 89 -16.44 16.44 6.83
CA ARG B 89 -17.21 17.51 7.48
C ARG B 89 -16.59 18.90 7.30
N LYS B 90 -15.29 18.98 7.11
CA LYS B 90 -14.65 20.28 6.96
C LYS B 90 -14.38 20.64 5.51
N GLY B 91 -15.00 19.90 4.60
CA GLY B 91 -14.93 20.20 3.19
C GLY B 91 -13.73 19.66 2.42
N ALA B 92 -12.90 18.86 3.10
CA ALA B 92 -11.73 18.27 2.42
C ALA B 92 -12.12 17.10 1.50
N LEU B 93 -13.30 16.53 1.73
CA LEU B 93 -13.81 15.47 0.86
C LEU B 93 -15.25 15.76 0.48
N ASP B 94 -15.61 15.54 -0.77
CA ASP B 94 -17.01 15.65 -1.14
C ASP B 94 -17.72 14.31 -0.90
N ASN B 95 -19.01 14.26 -1.19
CA ASN B 95 -19.80 13.07 -0.87
C ASN B 95 -19.27 11.82 -1.57
N ASP B 96 -18.90 11.94 -2.84
CA ASP B 96 -18.43 10.79 -3.59
C ASP B 96 -17.06 10.32 -3.10
N GLU B 97 -16.20 11.26 -2.71
CA GLU B 97 -14.86 10.90 -2.26
C GLU B 97 -14.90 10.18 -0.91
N VAL B 98 -15.68 10.68 0.03
CA VAL B 98 -15.76 10.04 1.33
C VAL B 98 -16.29 8.62 1.15
N THR B 99 -17.19 8.44 0.20
CA THR B 99 -17.73 7.13 -0.12
C THR B 99 -16.61 6.19 -0.57
N ARG B 100 -15.82 6.66 -1.54
CA ARG B 100 -14.71 5.86 -2.04
C ARG B 100 -13.70 5.56 -0.92
N GLU B 101 -13.37 6.57 -0.11
CA GLU B 101 -12.36 6.35 0.92
C GLU B 101 -12.84 5.36 1.97
N LEU B 102 -14.11 5.48 2.36
CA LEU B 102 -14.71 4.57 3.32
C LEU B 102 -14.81 3.15 2.75
N GLU B 103 -15.13 3.04 1.46
CA GLU B 103 -15.16 1.72 0.81
C GLU B 103 -13.80 1.03 0.84
N LEU B 104 -12.73 1.81 0.77
CA LEU B 104 -11.40 1.22 0.88
C LEU B 104 -11.19 0.61 2.27
N VAL B 105 -11.75 1.26 3.30
CA VAL B 105 -11.64 0.70 4.65
C VAL B 105 -12.42 -0.61 4.73
N ALA B 106 -13.64 -0.63 4.19
CA ALA B 106 -14.41 -1.87 4.21
C ALA B 106 -13.66 -2.97 3.47
N GLN B 107 -13.06 -2.61 2.32
CA GLN B 107 -12.29 -3.58 1.57
C GLN B 107 -11.14 -4.14 2.43
N TRP B 108 -10.48 -3.26 3.18
CA TRP B 108 -9.43 -3.69 4.08
C TRP B 108 -9.95 -4.70 5.09
N VAL B 109 -11.04 -4.33 5.76
CA VAL B 109 -11.62 -5.19 6.77
C VAL B 109 -11.94 -6.56 6.18
N ASN B 110 -12.43 -6.58 4.94
CA ASN B 110 -12.79 -7.85 4.27
C ASN B 110 -11.57 -8.71 3.92
N LYS B 111 -10.50 -8.07 3.48
CA LYS B 111 -9.24 -8.80 3.26
C LYS B 111 -8.72 -9.38 4.58
N VAL B 112 -8.80 -8.58 5.64
CA VAL B 112 -8.38 -9.05 6.96
C VAL B 112 -9.12 -10.33 7.33
N THR B 113 -10.43 -10.28 7.16
CA THR B 113 -11.27 -11.42 7.48
C THR B 113 -10.93 -12.63 6.61
N GLU B 114 -10.80 -12.39 5.31
CA GLU B 114 -10.48 -13.43 4.36
C GLU B 114 -9.18 -14.13 4.74
N ALA B 115 -8.28 -13.40 5.39
CA ALA B 115 -6.96 -13.93 5.64
C ALA B 115 -6.84 -14.60 7.00
N LYS B 116 -7.95 -14.68 7.74
CA LYS B 116 -7.94 -15.31 9.06
C LYS B 116 -7.28 -16.68 9.02
N PRO B 117 -6.41 -16.95 10.01
CA PRO B 117 -5.80 -18.29 10.08
C PRO B 117 -6.89 -19.35 10.12
N ASN B 118 -6.73 -20.39 9.31
CA ASN B 118 -7.75 -21.43 9.23
C ASN B 118 -7.20 -22.84 9.35
N SER B 119 -6.15 -23.01 10.15
CA SER B 119 -5.69 -24.36 10.48
C SER B 119 -6.77 -25.01 11.33
N ASP B 120 -6.76 -26.34 11.40
CA ASP B 120 -7.72 -27.04 12.23
C ASP B 120 -7.72 -26.43 13.63
N PHE B 121 -6.52 -26.15 14.14
CA PHE B 121 -6.40 -25.55 15.46
C PHE B 121 -7.15 -24.23 15.54
N TRP B 122 -6.86 -23.31 14.64
CA TRP B 122 -7.47 -21.99 14.76
C TRP B 122 -8.97 -22.01 14.47
N ARG B 123 -9.38 -22.88 13.54
CA ARG B 123 -10.81 -23.04 13.25
C ARG B 123 -11.60 -23.46 14.49
N LYS B 124 -10.99 -24.26 15.36
CA LYS B 124 -11.65 -24.63 16.60
C LYS B 124 -11.86 -23.41 17.51
N TYR B 125 -11.02 -22.39 17.35
CA TYR B 125 -11.05 -21.25 18.27
C TYR B 125 -11.90 -20.09 17.79
N PHE B 126 -11.79 -19.75 16.51
CA PHE B 126 -12.45 -18.55 16.00
C PHE B 126 -12.47 -18.52 14.49
N MSE C 9 -12.06 3.17 -36.69
CA MSE C 9 -11.78 3.35 -35.27
C MSE C 9 -12.11 2.12 -34.44
O MSE C 9 -13.25 1.66 -34.41
CB MSE C 9 -12.56 4.54 -34.70
CG MSE C 9 -12.83 4.47 -33.21
SE MSE C 9 -13.42 6.19 -32.53
CE MSE C 9 -14.47 5.61 -30.99
N THR C 10 -11.10 1.59 -33.76
CA THR C 10 -11.35 0.62 -32.72
C THR C 10 -11.04 1.26 -31.38
N GLU C 11 -11.91 1.03 -30.42
CA GLU C 11 -11.80 1.66 -29.11
C GLU C 11 -11.38 0.61 -28.09
N VAL C 12 -10.41 0.96 -27.26
CA VAL C 12 -9.95 0.09 -26.21
C VAL C 12 -10.14 0.79 -24.86
N ASN C 13 -10.92 0.20 -23.97
CA ASN C 13 -11.14 0.77 -22.64
C ASN C 13 -10.26 0.11 -21.57
N LEU C 14 -9.38 0.90 -20.97
CA LEU C 14 -8.40 0.41 -20.00
C LEU C 14 -8.74 0.86 -18.59
N ASN C 15 -8.74 -0.08 -17.66
CA ASN C 15 -9.00 0.26 -16.26
C ASN C 15 -7.72 0.50 -15.48
N ILE C 16 -7.50 1.76 -15.10
CA ILE C 16 -6.30 2.11 -14.37
C ILE C 16 -6.69 2.52 -12.95
N TYR C 17 -6.13 1.85 -11.96
CA TYR C 17 -6.43 2.23 -10.57
C TYR C 17 -5.76 3.54 -10.23
N SER C 18 -6.56 4.49 -9.74
CA SER C 18 -6.03 5.80 -9.36
C SER C 18 -5.99 5.98 -7.86
N PRO C 19 -4.78 6.03 -7.28
CA PRO C 19 -4.71 6.27 -5.83
C PRO C 19 -5.31 7.61 -5.44
N ARG C 20 -5.38 8.55 -6.37
CA ARG C 20 -5.94 9.86 -6.05
C ARG C 20 -7.44 9.76 -5.76
N TRP C 21 -8.16 8.97 -6.54
CA TRP C 21 -9.60 8.89 -6.41
C TRP C 21 -10.05 7.63 -5.68
N GLY C 22 -9.10 6.76 -5.38
CA GLY C 22 -9.39 5.51 -4.69
C GLY C 22 -10.28 4.58 -5.48
N ARG C 23 -10.21 4.67 -6.81
CA ARG C 23 -10.99 3.78 -7.68
C ARG C 23 -10.31 3.58 -9.02
N HIS C 24 -10.81 2.64 -9.81
CA HIS C 24 -10.36 2.47 -11.17
C HIS C 24 -10.95 3.54 -12.07
N GLU C 25 -10.10 4.13 -12.90
CA GLU C 25 -10.54 5.10 -13.88
C GLU C 25 -10.37 4.49 -15.27
N THR C 26 -11.25 4.89 -16.18
CA THR C 26 -11.21 4.39 -17.55
C THR C 26 -10.36 5.28 -18.44
N TYR C 27 -9.25 4.74 -18.94
CA TYR C 27 -8.50 5.41 -19.98
C TYR C 27 -8.96 4.87 -21.32
N ILE C 28 -9.41 5.76 -22.19
CA ILE C 28 -9.97 5.35 -23.47
C ILE C 28 -8.97 5.57 -24.59
N VAL C 29 -8.63 4.49 -25.28
CA VAL C 29 -7.69 4.56 -26.41
C VAL C 29 -8.48 4.46 -27.71
N GLU C 30 -8.40 5.50 -28.54
CA GLU C 30 -9.02 5.45 -29.87
C GLU C 30 -7.97 5.20 -30.94
N LEU C 31 -8.07 4.06 -31.61
CA LEU C 31 -7.10 3.68 -32.63
C LEU C 31 -7.64 3.96 -34.05
N HIS C 32 -6.84 4.67 -34.84
CA HIS C 32 -7.16 4.94 -36.24
C HIS C 32 -5.90 4.70 -37.04
N LYS C 33 -6.06 4.53 -38.35
CA LYS C 33 -4.91 4.35 -39.21
C LYS C 33 -4.04 5.59 -39.12
N ASP C 34 -4.67 6.76 -39.08
CA ASP C 34 -3.94 8.01 -39.19
C ASP C 34 -3.47 8.55 -37.83
N TYR C 35 -4.13 8.17 -36.75
CA TYR C 35 -3.77 8.72 -35.46
C TYR C 35 -4.33 7.87 -34.32
N MSE C 36 -3.77 8.07 -33.13
CA MSE C 36 -4.28 7.46 -31.91
C MSE C 36 -4.55 8.57 -30.90
O MSE C 36 -3.79 9.53 -30.79
CB MSE C 36 -3.25 6.47 -31.35
CG MSE C 36 -3.59 6.00 -29.94
SE MSE C 36 -2.23 4.84 -29.15
CE MSE C 36 -0.66 5.76 -29.81
N GLU C 37 -5.65 8.43 -30.16
CA GLU C 37 -5.94 9.34 -29.08
C GLU C 37 -6.11 8.58 -27.78
N ILE C 38 -5.62 9.17 -26.70
CA ILE C 38 -5.80 8.59 -25.38
C ILE C 38 -6.44 9.66 -24.50
N SER C 39 -7.58 9.33 -23.92
CA SER C 39 -8.29 10.27 -23.06
C SER C 39 -8.55 9.65 -21.70
N MSE C 40 -8.47 10.50 -20.68
CA MSE C 40 -8.98 10.17 -19.37
C MSE C 40 -9.66 11.45 -18.95
O MSE C 40 -9.02 12.51 -18.90
CB MSE C 40 -7.84 9.81 -18.42
CG MSE C 40 -8.29 8.96 -17.25
SE MSE C 40 -9.24 10.02 -15.96
CE MSE C 40 -8.05 11.55 -15.91
N GLY C 41 -10.96 11.39 -18.68
CA GLY C 41 -11.72 12.58 -18.40
C GLY C 41 -11.65 13.56 -19.56
N ALA C 42 -11.54 14.85 -19.25
CA ALA C 42 -11.64 15.89 -20.27
C ALA C 42 -10.35 16.07 -21.05
N VAL C 43 -9.27 15.43 -20.62
CA VAL C 43 -8.00 15.57 -21.31
C VAL C 43 -7.80 14.47 -22.35
N THR C 44 -7.20 14.85 -23.47
CA THR C 44 -6.98 13.95 -24.58
C THR C 44 -5.61 14.24 -25.16
N ILE C 45 -4.77 13.21 -25.27
CA ILE C 45 -3.49 13.36 -25.95
C ILE C 45 -3.55 12.60 -27.27
N LYS C 46 -2.69 12.96 -28.21
CA LYS C 46 -2.79 12.41 -29.54
C LYS C 46 -1.45 12.12 -30.19
N ALA C 47 -1.36 10.98 -30.87
CA ALA C 47 -0.24 10.73 -31.77
C ALA C 47 -0.74 10.62 -33.22
N THR C 48 -0.10 11.34 -34.13
CA THR C 48 -0.45 11.26 -35.54
C THR C 48 0.68 10.65 -36.38
N TYR C 49 0.31 9.68 -37.21
CA TYR C 49 1.26 8.95 -38.02
C TYR C 49 1.81 9.80 -39.16
N SER C 50 3.00 9.46 -39.63
CA SER C 50 3.58 10.07 -40.82
C SER C 50 4.54 9.10 -41.50
N GLU C 51 4.41 8.99 -42.83
CA GLU C 51 5.26 8.11 -43.63
C GLU C 51 6.70 8.04 -43.15
N ASN C 52 7.39 9.17 -43.18
CA ASN C 52 8.84 9.19 -43.01
C ASN C 52 9.34 9.78 -41.71
N GLN C 53 8.53 9.71 -40.67
CA GLN C 53 8.96 10.20 -39.37
C GLN C 53 8.27 9.40 -38.28
N ASP C 54 8.83 9.43 -37.08
CA ASP C 54 8.14 8.88 -35.92
C ASP C 54 6.83 9.65 -35.71
N PRO C 55 5.90 9.06 -34.94
CA PRO C 55 4.62 9.75 -34.75
C PRO C 55 4.78 11.10 -34.07
N GLU C 56 3.94 12.06 -34.44
CA GLU C 56 3.94 13.37 -33.80
C GLU C 56 2.97 13.37 -32.64
N TRP C 57 3.49 13.57 -31.44
CA TRP C 57 2.63 13.61 -30.25
C TRP C 57 2.22 15.03 -29.87
N SER C 58 1.01 15.15 -29.34
CA SER C 58 0.58 16.39 -28.72
C SER C 58 1.59 16.74 -27.62
N GLU C 59 1.59 18.00 -27.20
CA GLU C 59 2.49 18.48 -26.17
C GLU C 59 2.26 17.77 -24.84
N GLU C 60 0.99 17.57 -24.48
CA GLU C 60 0.63 16.86 -23.27
C GLU C 60 1.02 15.38 -23.40
N THR C 61 1.57 14.81 -22.34
CA THR C 61 2.03 13.42 -22.40
C THR C 61 1.13 12.47 -21.60
N LEU C 62 1.30 11.17 -21.80
CA LEU C 62 0.61 10.18 -20.97
C LEU C 62 0.97 10.32 -19.48
N GLN C 63 2.25 10.54 -19.18
CA GLN C 63 2.68 10.71 -17.79
C GLN C 63 1.96 11.91 -17.18
N ASP C 64 1.67 12.91 -18.01
CA ASP C 64 0.96 14.09 -17.53
C ASP C 64 -0.40 13.72 -16.99
N ILE C 65 -1.19 13.02 -17.80
CA ILE C 65 -2.54 12.68 -17.37
C ILE C 65 -2.52 11.63 -16.26
N MSE C 66 -1.58 10.70 -16.30
CA MSE C 66 -1.53 9.69 -15.27
C MSE C 66 -1.01 10.20 -13.92
O MSE C 66 -1.57 9.87 -12.88
CB MSE C 66 -0.71 8.49 -15.73
CG MSE C 66 -1.48 7.61 -16.69
SE MSE C 66 -0.45 6.08 -17.16
CE MSE C 66 -1.91 4.91 -17.71
N ASN C 67 0.05 11.00 -13.95
CA ASN C 67 0.59 11.56 -12.72
C ASN C 67 -0.50 12.39 -12.04
N ASN C 68 -1.34 13.03 -12.84
CA ASN C 68 -2.48 13.77 -12.35
C ASN C 68 -3.40 12.92 -11.47
N ASP C 69 -3.46 11.63 -11.76
CA ASP C 69 -4.26 10.68 -10.98
C ASP C 69 -3.41 9.94 -9.93
N SER C 70 -2.21 10.45 -9.67
CA SER C 70 -1.26 9.79 -8.76
C SER C 70 -0.88 8.40 -9.24
N VAL C 71 -0.83 8.22 -10.55
CA VAL C 71 -0.33 6.98 -11.12
C VAL C 71 1.03 7.26 -11.75
N TYR C 72 2.03 6.49 -11.33
CA TYR C 72 3.41 6.75 -11.75
C TYR C 72 4.03 5.56 -12.49
N PRO C 73 3.68 5.39 -13.77
CA PRO C 73 4.15 4.21 -14.51
C PRO C 73 5.55 4.44 -15.07
N PRO C 74 6.17 3.36 -15.56
CA PRO C 74 7.49 3.53 -16.17
C PRO C 74 7.42 4.52 -17.32
N GLU C 75 8.51 5.25 -17.54
CA GLU C 75 8.54 6.26 -18.60
C GLU C 75 8.25 5.67 -19.99
N ILE C 76 8.58 4.40 -20.18
CA ILE C 76 8.36 3.76 -21.48
C ILE C 76 6.87 3.52 -21.80
N THR C 77 6.00 3.70 -20.81
CA THR C 77 4.59 3.34 -20.96
C THR C 77 3.94 3.96 -22.22
N GLN C 78 4.14 5.26 -22.43
CA GLN C 78 3.56 5.92 -23.59
C GLN C 78 4.06 5.30 -24.88
N ASN C 79 5.35 4.98 -24.91
CA ASN C 79 5.96 4.32 -26.04
C ASN C 79 5.39 2.93 -26.30
N LEU C 80 4.96 2.23 -25.24
CA LEU C 80 4.29 0.95 -25.41
C LEU C 80 2.95 1.12 -26.14
N PHE C 81 2.18 2.13 -25.76
CA PHE C 81 0.92 2.43 -26.43
C PHE C 81 1.19 2.69 -27.92
N GLN C 82 2.25 3.44 -28.19
CA GLN C 82 2.58 3.78 -29.56
C GLN C 82 2.91 2.51 -30.34
N HIS C 83 3.69 1.62 -29.74
CA HIS C 83 4.07 0.39 -30.42
C HIS C 83 2.87 -0.50 -30.72
N ALA C 84 1.95 -0.60 -29.77
CA ALA C 84 0.75 -1.41 -29.96
C ALA C 84 -0.06 -0.87 -31.14
N TRP C 85 -0.21 0.46 -31.18
CA TRP C 85 -0.93 1.15 -32.26
C TRP C 85 -0.28 0.96 -33.64
N LEU C 86 1.01 1.18 -33.71
CA LEU C 86 1.73 1.05 -34.98
C LEU C 86 1.69 -0.38 -35.53
N GLU C 87 1.68 -1.38 -34.65
CA GLU C 87 1.60 -2.77 -35.08
C GLU C 87 0.17 -3.14 -35.50
N TRP C 88 -0.82 -2.61 -34.80
CA TRP C 88 -2.21 -2.83 -35.16
C TRP C 88 -2.47 -2.19 -36.52
N ARG C 89 -1.84 -1.05 -36.72
CA ARG C 89 -2.02 -0.22 -37.90
C ARG C 89 -1.56 -0.92 -39.19
N LYS C 90 -0.53 -1.75 -39.07
CA LYS C 90 -0.09 -2.48 -40.25
C LYS C 90 -0.71 -3.85 -40.34
N GLY C 91 -1.67 -4.11 -39.46
CA GLY C 91 -2.41 -5.36 -39.49
C GLY C 91 -1.74 -6.54 -38.82
N ALA C 92 -0.74 -6.30 -37.99
CA ALA C 92 -0.05 -7.38 -37.29
C ALA C 92 -0.87 -7.86 -36.10
N LEU C 93 -1.76 -6.99 -35.62
CA LEU C 93 -2.66 -7.31 -34.53
C LEU C 93 -4.07 -6.97 -34.97
N ASP C 94 -5.00 -7.88 -34.73
CA ASP C 94 -6.39 -7.53 -34.97
C ASP C 94 -6.98 -6.83 -33.76
N ASN C 95 -8.23 -6.42 -33.87
CA ASN C 95 -8.85 -5.59 -32.84
C ASN C 95 -8.82 -6.21 -31.44
N ASP C 96 -9.14 -7.49 -31.34
CA ASP C 96 -9.18 -8.15 -30.03
C ASP C 96 -7.78 -8.32 -29.46
N GLU C 97 -6.79 -8.41 -30.34
CA GLU C 97 -5.41 -8.63 -29.89
C GLU C 97 -4.76 -7.35 -29.37
N VAL C 98 -4.99 -6.24 -30.06
CA VAL C 98 -4.43 -4.97 -29.62
C VAL C 98 -5.08 -4.61 -28.30
N THR C 99 -6.34 -4.99 -28.17
CA THR C 99 -7.03 -4.84 -26.90
C THR C 99 -6.33 -5.66 -25.80
N ARG C 100 -6.05 -6.94 -26.07
CA ARG C 100 -5.40 -7.78 -25.08
C ARG C 100 -4.04 -7.24 -24.70
N GLU C 101 -3.28 -6.80 -25.70
CA GLU C 101 -1.90 -6.40 -25.43
C GLU C 101 -1.87 -5.10 -24.62
N LEU C 102 -2.81 -4.21 -24.90
CA LEU C 102 -2.90 -2.97 -24.15
C LEU C 102 -3.40 -3.23 -22.74
N GLU C 103 -4.33 -4.16 -22.60
CA GLU C 103 -4.76 -4.57 -21.27
C GLU C 103 -3.58 -5.10 -20.45
N LEU C 104 -2.60 -5.73 -21.10
CA LEU C 104 -1.41 -6.20 -20.37
C LEU C 104 -0.60 -5.02 -19.84
N VAL C 105 -0.55 -3.95 -20.62
CA VAL C 105 0.14 -2.74 -20.18
C VAL C 105 -0.58 -2.15 -18.97
N ALA C 106 -1.91 -2.09 -19.03
CA ALA C 106 -2.68 -1.54 -17.93
C ALA C 106 -2.52 -2.38 -16.68
N GLN C 107 -2.50 -3.70 -16.86
CA GLN C 107 -2.27 -4.62 -15.75
C GLN C 107 -0.92 -4.36 -15.10
N TRP C 108 0.10 -4.15 -15.93
CA TRP C 108 1.42 -3.80 -15.44
C TRP C 108 1.38 -2.52 -14.62
N VAL C 109 0.77 -1.47 -15.18
CA VAL C 109 0.67 -0.19 -14.49
C VAL C 109 -0.01 -0.37 -13.13
N ASN C 110 -1.11 -1.12 -13.11
CA ASN C 110 -1.81 -1.39 -11.84
C ASN C 110 -0.95 -2.16 -10.85
N LYS C 111 -0.14 -3.10 -11.35
CA LYS C 111 0.77 -3.87 -10.49
C LYS C 111 1.84 -2.97 -9.89
N VAL C 112 2.36 -2.07 -10.71
CA VAL C 112 3.34 -1.08 -10.26
C VAL C 112 2.73 -0.26 -9.11
N THR C 113 1.50 0.21 -9.32
CA THR C 113 0.82 0.99 -8.30
C THR C 113 0.63 0.15 -7.03
N GLU C 114 0.14 -1.07 -7.21
CA GLU C 114 -0.08 -2.01 -6.11
C GLU C 114 1.19 -2.27 -5.29
N ALA C 115 2.34 -2.30 -5.96
CA ALA C 115 3.59 -2.66 -5.28
C ALA C 115 4.36 -1.47 -4.72
N LYS C 116 3.79 -0.27 -4.76
CA LYS C 116 4.48 0.91 -4.25
C LYS C 116 5.05 0.66 -2.86
N PRO C 117 6.21 1.29 -2.54
CA PRO C 117 6.75 1.12 -1.19
C PRO C 117 5.71 1.47 -0.13
N ASN C 118 5.66 0.69 0.95
CA ASN C 118 4.58 0.78 1.93
C ASN C 118 5.03 1.09 3.36
N SER C 119 6.22 1.66 3.52
CA SER C 119 6.66 2.10 4.85
C SER C 119 5.97 3.41 5.23
N ASP C 120 6.01 3.77 6.52
CA ASP C 120 5.47 5.05 6.97
C ASP C 120 6.06 6.17 6.12
N PHE C 121 7.37 6.11 5.94
CA PHE C 121 8.09 7.17 5.22
C PHE C 121 7.56 7.36 3.81
N TRP C 122 7.39 6.26 3.08
CA TRP C 122 6.95 6.38 1.69
C TRP C 122 5.46 6.67 1.56
N ARG C 123 4.66 6.17 2.50
CA ARG C 123 3.24 6.44 2.48
C ARG C 123 2.99 7.93 2.70
N LYS C 124 3.74 8.54 3.62
CA LYS C 124 3.62 9.97 3.85
C LYS C 124 3.95 10.81 2.63
N TYR C 125 4.83 10.29 1.76
CA TYR C 125 5.37 11.08 0.65
C TYR C 125 4.55 10.99 -0.64
N PHE C 126 4.16 9.78 -1.02
CA PHE C 126 3.39 9.61 -2.24
C PHE C 126 2.51 8.38 -2.17
N GLY D 8 11.40 -27.33 30.13
CA GLY D 8 10.02 -26.91 30.24
C GLY D 8 9.83 -25.45 29.84
N MSE D 9 10.30 -25.12 28.65
CA MSE D 9 10.28 -23.74 28.18
C MSE D 9 10.51 -23.72 26.69
O MSE D 9 11.42 -24.38 26.18
CB MSE D 9 11.38 -22.94 28.90
CG MSE D 9 11.54 -21.52 28.42
SE MSE D 9 12.66 -21.32 26.84
CE MSE D 9 12.57 -19.38 26.67
N THR D 10 9.70 -22.95 25.96
CA THR D 10 9.94 -22.85 24.52
C THR D 10 9.91 -21.43 24.00
N GLU D 11 10.83 -21.12 23.10
CA GLU D 11 10.90 -19.80 22.52
C GLU D 11 10.45 -19.81 21.05
N VAL D 12 9.61 -18.85 20.69
CA VAL D 12 9.16 -18.77 19.31
C VAL D 12 9.52 -17.40 18.76
N ASN D 13 10.21 -17.40 17.62
CA ASN D 13 10.61 -16.17 16.97
C ASN D 13 9.68 -15.87 15.81
N LEU D 14 8.98 -14.75 15.88
CA LEU D 14 8.01 -14.39 14.86
C LEU D 14 8.54 -13.22 14.05
N ASN D 15 8.35 -13.29 12.74
CA ASN D 15 8.78 -12.22 11.86
C ASN D 15 7.59 -11.34 11.54
N ILE D 16 7.63 -10.11 12.02
CA ILE D 16 6.54 -9.18 11.82
C ILE D 16 7.06 -8.03 10.98
N TYR D 17 6.44 -7.81 9.82
CA TYR D 17 6.86 -6.69 8.99
C TYR D 17 6.49 -5.35 9.64
N SER D 18 7.46 -4.45 9.74
CA SER D 18 7.26 -3.13 10.34
C SER D 18 7.31 -1.99 9.31
N PRO D 19 6.15 -1.40 9.00
CA PRO D 19 6.16 -0.20 8.15
C PRO D 19 6.96 0.95 8.77
N ARG D 20 7.10 0.99 10.09
CA ARG D 20 7.89 2.06 10.70
C ARG D 20 9.34 1.99 10.23
N TRP D 21 9.92 0.79 10.26
CA TRP D 21 11.34 0.62 10.00
C TRP D 21 11.63 0.06 8.59
N GLY D 22 10.57 -0.33 7.90
CA GLY D 22 10.69 -0.84 6.54
C GLY D 22 11.37 -2.19 6.45
N ARG D 23 11.12 -3.05 7.44
CA ARG D 23 11.78 -4.37 7.48
C ARG D 23 11.05 -5.28 8.44
N HIS D 24 11.32 -6.58 8.34
CA HIS D 24 10.77 -7.52 9.30
C HIS D 24 11.51 -7.35 10.62
N GLU D 25 10.76 -7.45 11.71
CA GLU D 25 11.34 -7.38 13.05
C GLU D 25 11.02 -8.69 13.73
N THR D 26 11.87 -9.11 14.65
CA THR D 26 11.63 -10.35 15.35
C THR D 26 10.87 -10.09 16.65
N TYR D 27 9.69 -10.67 16.77
CA TYR D 27 8.98 -10.68 18.02
C TYR D 27 9.28 -12.00 18.69
N ILE D 28 9.76 -11.93 19.92
CA ILE D 28 10.14 -13.13 20.63
C ILE D 28 9.07 -13.49 21.64
N VAL D 29 8.50 -14.67 21.47
CA VAL D 29 7.52 -15.20 22.41
C VAL D 29 8.17 -16.26 23.27
N GLU D 30 8.16 -16.04 24.58
CA GLU D 30 8.71 -17.00 25.52
C GLU D 30 7.57 -17.68 26.26
N LEU D 31 7.48 -18.99 26.10
CA LEU D 31 6.38 -19.73 26.70
C LEU D 31 6.88 -20.52 27.91
N HIS D 32 6.26 -20.29 29.06
CA HIS D 32 6.57 -21.05 30.26
C HIS D 32 5.26 -21.55 30.86
N LYS D 33 5.35 -22.55 31.71
CA LYS D 33 4.16 -23.05 32.38
C LYS D 33 3.43 -21.93 33.10
N ASP D 34 4.20 -21.01 33.69
CA ASP D 34 3.64 -20.00 34.59
C ASP D 34 3.25 -18.71 33.92
N TYR D 35 3.88 -18.41 32.80
CA TYR D 35 3.67 -17.13 32.15
C TYR D 35 4.15 -17.19 30.72
N MSE D 36 3.74 -16.19 29.95
CA MSE D 36 4.27 -16.00 28.62
C MSE D 36 4.79 -14.57 28.51
O MSE D 36 4.20 -13.65 29.07
CB MSE D 36 3.18 -16.21 27.56
CG MSE D 36 3.52 -15.59 26.21
SE MSE D 36 2.08 -15.82 24.92
CE MSE D 36 0.63 -15.09 25.97
N GLU D 37 5.92 -14.41 27.85
CA GLU D 37 6.45 -13.08 27.61
C GLU D 37 6.59 -12.86 26.12
N ILE D 38 6.32 -11.64 25.69
CA ILE D 38 6.51 -11.24 24.30
C ILE D 38 7.33 -9.97 24.27
N SER D 39 8.32 -9.93 23.38
CA SER D 39 9.27 -8.84 23.34
C SER D 39 9.65 -8.52 21.91
N MSE D 40 9.83 -7.24 21.65
CA MSE D 40 10.57 -6.79 20.50
C MSE D 40 11.44 -5.67 21.04
O MSE D 40 10.94 -4.63 21.47
CB MSE D 40 9.63 -6.29 19.40
CG MSE D 40 10.32 -5.99 18.07
SE MSE D 40 11.34 -4.32 18.14
CE MSE D 40 11.30 -3.87 16.26
N GLY D 41 12.74 -5.89 21.09
CA GLY D 41 13.64 -4.92 21.68
C GLY D 41 13.50 -4.84 23.19
N ALA D 42 13.42 -3.61 23.71
CA ALA D 42 13.53 -3.39 25.14
C ALA D 42 12.22 -3.50 25.91
N VAL D 43 11.09 -3.54 25.22
CA VAL D 43 9.79 -3.58 25.91
C VAL D 43 9.17 -4.96 25.94
N THR D 44 9.07 -5.53 27.13
CA THR D 44 8.53 -6.89 27.29
C THR D 44 7.17 -6.86 27.95
N ILE D 45 6.19 -7.51 27.32
CA ILE D 45 4.87 -7.63 27.93
C ILE D 45 4.68 -9.07 28.39
N LYS D 46 3.70 -9.30 29.28
CA LYS D 46 3.62 -10.59 29.95
C LYS D 46 2.20 -10.99 30.36
N ALA D 47 1.91 -12.27 30.20
CA ALA D 47 0.66 -12.85 30.69
C ALA D 47 1.03 -13.86 31.75
N THR D 48 0.44 -13.71 32.94
CA THR D 48 0.73 -14.63 34.03
C THR D 48 -0.45 -15.54 34.31
N TYR D 49 -0.18 -16.84 34.36
CA TYR D 49 -1.25 -17.81 34.54
C TYR D 49 -1.77 -17.78 35.98
N SER D 50 -3.04 -18.09 36.16
CA SER D 50 -3.59 -18.33 37.49
C SER D 50 -4.63 -19.45 37.40
N GLU D 51 -4.75 -20.24 38.47
CA GLU D 51 -5.58 -21.44 38.45
C GLU D 51 -7.09 -21.17 38.45
N ASN D 52 -7.49 -19.95 38.83
CA ASN D 52 -8.91 -19.62 38.96
C ASN D 52 -9.40 -18.57 37.97
N GLN D 53 -8.62 -17.51 37.79
CA GLN D 53 -9.00 -16.45 36.87
C GLN D 53 -8.38 -16.65 35.50
N ASP D 54 -8.69 -15.74 34.58
CA ASP D 54 -8.05 -15.72 33.28
C ASP D 54 -6.68 -15.08 33.42
N PRO D 55 -5.75 -15.43 32.52
CA PRO D 55 -4.40 -14.90 32.58
C PRO D 55 -4.39 -13.41 32.83
N GLU D 56 -3.49 -12.96 33.70
CA GLU D 56 -3.32 -11.55 33.98
C GLU D 56 -2.19 -10.98 33.12
N TRP D 57 -2.49 -9.88 32.43
CA TRP D 57 -1.55 -9.26 31.52
C TRP D 57 -0.93 -8.00 32.10
N SER D 58 0.31 -7.72 31.72
CA SER D 58 0.97 -6.48 32.09
C SER D 58 0.14 -5.32 31.60
N GLU D 59 0.41 -4.11 32.08
CA GLU D 59 -0.36 -2.96 31.63
C GLU D 59 -0.12 -2.64 30.15
N GLU D 60 1.12 -2.84 29.68
CA GLU D 60 1.42 -2.57 28.29
C GLU D 60 1.00 -3.78 27.46
N THR D 61 0.34 -3.53 26.34
CA THR D 61 -0.28 -4.59 25.56
C THR D 61 0.48 -4.86 24.27
N LEU D 62 0.14 -5.97 23.63
CA LEU D 62 0.73 -6.31 22.35
C LEU D 62 0.49 -5.16 21.36
N GLN D 63 -0.71 -4.60 21.40
CA GLN D 63 -1.04 -3.45 20.57
C GLN D 63 -0.04 -2.33 20.79
N ASP D 64 0.25 -2.06 22.07
CA ASP D 64 1.21 -1.02 22.40
C ASP D 64 2.53 -1.23 21.67
N ILE D 65 3.12 -2.41 21.81
CA ILE D 65 4.45 -2.59 21.24
C ILE D 65 4.40 -2.63 19.72
N MSE D 66 3.39 -3.29 19.17
CA MSE D 66 3.22 -3.33 17.71
C MSE D 66 2.94 -1.95 17.11
O MSE D 66 3.40 -1.65 16.00
CB MSE D 66 2.13 -4.31 17.33
CG MSE D 66 2.58 -5.76 17.47
SE MSE D 66 1.26 -7.00 16.74
CE MSE D 66 2.34 -8.64 16.73
N ASN D 67 2.20 -1.12 17.83
CA ASN D 67 1.95 0.23 17.33
C ASN D 67 3.26 1.02 17.18
N ASN D 68 4.24 0.69 18.01
CA ASN D 68 5.58 1.27 17.85
C ASN D 68 6.24 0.87 16.53
N ASP D 69 5.82 -0.25 15.95
CA ASP D 69 6.31 -0.65 14.63
C ASP D 69 5.39 -0.21 13.51
N SER D 70 4.41 0.62 13.84
CA SER D 70 3.35 1.00 12.89
C SER D 70 2.65 -0.23 12.35
N VAL D 71 2.53 -1.24 13.20
CA VAL D 71 1.75 -2.43 12.88
C VAL D 71 0.43 -2.36 13.64
N TYR D 72 -0.67 -2.55 12.93
CA TYR D 72 -1.99 -2.43 13.52
C TYR D 72 -2.75 -3.71 13.24
N PRO D 73 -2.65 -4.67 14.16
CA PRO D 73 -3.24 -6.01 14.02
C PRO D 73 -4.70 -5.99 14.38
N PRO D 74 -5.44 -7.03 13.97
CA PRO D 74 -6.80 -7.26 14.46
C PRO D 74 -6.78 -7.21 15.98
N GLU D 75 -7.78 -6.61 16.61
CA GLU D 75 -7.79 -6.43 18.05
C GLU D 75 -7.68 -7.75 18.82
N ILE D 76 -8.17 -8.82 18.21
CA ILE D 76 -8.20 -10.13 18.83
C ILE D 76 -6.82 -10.81 18.85
N THR D 77 -5.81 -10.19 18.24
CA THR D 77 -4.49 -10.80 18.10
C THR D 77 -3.85 -11.23 19.44
N GLN D 78 -3.88 -10.36 20.42
CA GLN D 78 -3.32 -10.70 21.73
C GLN D 78 -4.00 -11.95 22.28
N ASN D 79 -5.31 -12.02 22.11
CA ASN D 79 -6.09 -13.16 22.56
C ASN D 79 -5.64 -14.46 21.89
N LEU D 80 -5.24 -14.36 20.62
CA LEU D 80 -4.74 -15.54 19.92
C LEU D 80 -3.43 -16.04 20.54
N PHE D 81 -2.51 -15.12 20.82
CA PHE D 81 -1.26 -15.52 21.49
C PHE D 81 -1.57 -16.23 22.80
N GLN D 82 -2.47 -15.67 23.58
CA GLN D 82 -2.87 -16.27 24.85
C GLN D 82 -3.42 -17.68 24.65
N HIS D 83 -4.27 -17.87 23.65
CA HIS D 83 -4.87 -19.18 23.40
C HIS D 83 -3.82 -20.24 23.05
N ALA D 84 -2.89 -19.88 22.15
CA ALA D 84 -1.83 -20.79 21.75
C ALA D 84 -0.98 -21.20 22.97
N TRP D 85 -0.62 -20.21 23.77
CA TRP D 85 0.12 -20.44 24.99
C TRP D 85 -0.64 -21.41 25.90
N LEU D 86 -1.89 -21.08 26.18
CA LEU D 86 -2.70 -21.90 27.07
C LEU D 86 -2.81 -23.33 26.59
N GLU D 87 -3.07 -23.51 25.29
CA GLU D 87 -3.17 -24.85 24.72
C GLU D 87 -1.84 -25.61 24.84
N TRP D 88 -0.74 -24.94 24.53
CA TRP D 88 0.60 -25.53 24.68
C TRP D 88 0.85 -25.91 26.13
N ARG D 89 0.45 -25.01 27.02
CA ARG D 89 0.65 -25.18 28.45
C ARG D 89 -0.05 -26.41 29.00
N LYS D 90 -1.21 -26.74 28.43
CA LYS D 90 -1.93 -27.93 28.87
C LYS D 90 -1.63 -29.12 27.98
N GLY D 91 -0.54 -29.03 27.21
CA GLY D 91 -0.02 -30.13 26.43
C GLY D 91 -0.76 -30.47 25.15
N ALA D 92 -1.74 -29.65 24.76
CA ALA D 92 -2.51 -29.90 23.55
C ALA D 92 -1.72 -29.59 22.27
N LEU D 93 -0.63 -28.85 22.42
CA LEU D 93 0.29 -28.58 21.31
C LEU D 93 1.69 -28.86 21.78
N ASP D 94 2.55 -29.40 20.91
CA ASP D 94 3.96 -29.52 21.26
C ASP D 94 4.70 -28.28 20.79
N ASN D 95 6.00 -28.22 21.04
CA ASN D 95 6.81 -27.06 20.70
C ASN D 95 6.75 -26.74 19.21
N ASP D 96 6.85 -27.78 18.40
CA ASP D 96 6.78 -27.62 16.94
C ASP D 96 5.41 -27.09 16.52
N GLU D 97 4.36 -27.54 17.20
CA GLU D 97 2.99 -27.19 16.80
C GLU D 97 2.59 -25.79 17.25
N VAL D 98 3.03 -25.40 18.44
CA VAL D 98 2.72 -24.07 18.91
C VAL D 98 3.50 -23.04 18.08
N THR D 99 4.71 -23.44 17.67
CA THR D 99 5.54 -22.62 16.79
C THR D 99 4.79 -22.38 15.49
N ARG D 100 4.27 -23.46 14.92
CA ARG D 100 3.54 -23.38 13.67
C ARG D 100 2.29 -22.51 13.79
N GLU D 101 1.47 -22.76 14.81
CA GLU D 101 0.22 -22.04 14.97
C GLU D 101 0.44 -20.56 15.24
N LEU D 102 1.50 -20.24 15.97
CA LEU D 102 1.87 -18.85 16.19
C LEU D 102 2.37 -18.20 14.91
N GLU D 103 3.06 -18.97 14.07
CA GLU D 103 3.55 -18.43 12.82
C GLU D 103 2.38 -18.07 11.90
N LEU D 104 1.29 -18.79 12.04
CA LEU D 104 0.08 -18.49 11.28
C LEU D 104 -0.55 -17.18 11.74
N VAL D 105 -0.36 -16.84 13.01
CA VAL D 105 -0.87 -15.57 13.50
C VAL D 105 -0.01 -14.45 12.93
N ALA D 106 1.30 -14.66 12.93
CA ALA D 106 2.21 -13.63 12.43
C ALA D 106 1.95 -13.42 10.95
N GLN D 107 1.72 -14.51 10.23
CA GLN D 107 1.45 -14.42 8.80
C GLN D 107 0.23 -13.53 8.58
N TRP D 108 -0.80 -13.75 9.39
CA TRP D 108 -2.04 -12.97 9.31
C TRP D 108 -1.74 -11.49 9.48
N VAL D 109 -1.05 -11.18 10.58
CA VAL D 109 -0.69 -9.79 10.87
C VAL D 109 0.04 -9.16 9.69
N ASN D 110 0.98 -9.88 9.10
CA ASN D 110 1.70 -9.35 7.93
C ASN D 110 0.77 -9.14 6.73
N LYS D 111 -0.22 -10.03 6.55
CA LYS D 111 -1.21 -9.82 5.50
C LYS D 111 -2.11 -8.60 5.75
N VAL D 112 -2.50 -8.41 7.00
CA VAL D 112 -3.29 -7.23 7.36
C VAL D 112 -2.54 -5.96 7.00
N THR D 113 -1.26 -5.94 7.33
CA THR D 113 -0.40 -4.79 7.06
C THR D 113 -0.25 -4.56 5.56
N GLU D 114 0.05 -5.63 4.85
CA GLU D 114 0.23 -5.57 3.40
C GLU D 114 -1.02 -5.02 2.71
N ALA D 115 -2.19 -5.35 3.25
CA ALA D 115 -3.47 -4.97 2.63
C ALA D 115 -4.04 -3.62 3.07
N LYS D 116 -3.25 -2.81 3.78
CA LYS D 116 -3.74 -1.49 4.17
C LYS D 116 -4.21 -0.66 2.99
N PRO D 117 -5.27 0.12 3.18
CA PRO D 117 -5.80 1.01 2.14
C PRO D 117 -4.68 1.85 1.51
N ASN D 118 -4.70 1.99 0.19
CA ASN D 118 -3.56 2.56 -0.51
C ASN D 118 -3.83 3.82 -1.33
N SER D 119 -4.97 4.47 -1.12
CA SER D 119 -5.25 5.74 -1.79
C SER D 119 -4.33 6.84 -1.24
N ASP D 120 -4.21 7.95 -1.96
CA ASP D 120 -3.46 9.11 -1.47
C ASP D 120 -3.92 9.47 -0.05
N PHE D 121 -5.23 9.51 0.13
CA PHE D 121 -5.86 9.92 1.38
C PHE D 121 -5.40 9.04 2.54
N TRP D 122 -5.46 7.73 2.36
CA TRP D 122 -5.09 6.83 3.45
C TRP D 122 -3.59 6.72 3.69
N ARG D 123 -2.80 6.84 2.63
CA ARG D 123 -1.34 6.80 2.76
C ARG D 123 -0.83 8.02 3.53
N LYS D 124 -1.42 9.17 3.28
CA LYS D 124 -1.14 10.37 4.05
C LYS D 124 -1.42 10.18 5.54
N TYR D 125 -2.49 9.46 5.86
CA TYR D 125 -2.97 9.35 7.25
C TYR D 125 -2.25 8.35 8.15
N PHE D 126 -1.96 7.17 7.62
CA PHE D 126 -1.31 6.13 8.42
C PHE D 126 -0.59 5.07 7.57
#